data_4GG7
#
_entry.id   4GG7
#
_cell.length_a   65.867
_cell.length_b   65.867
_cell.length_c   187.176
_cell.angle_alpha   90.000
_cell.angle_beta   90.000
_cell.angle_gamma   90.000
#
_symmetry.space_group_name_H-M   'P 41 21 2'
#
loop_
_entity.id
_entity.type
_entity.pdbx_description
1 polymer 'Hepatocyte growth factor receptor'
2 non-polymer N-(3-nitrobenzyl)-6-[1-(piperidin-4-yl)-1H-pyrazol-4-yl]-2-(trifluoromethyl)pyrido[2,3-d]pyrimidin-4-amine
3 water water
#
_entity_poly.entity_id   1
_entity_poly.type   'polypeptide(L)'
_entity_poly.pdbx_seq_one_letter_code
;MGSSHHHHHHGDSDISSPLLQNTVHIDLSALNPELVQAVQHVVIGPSSLIVHFNEVIGRGHFGCVYHGTLLDNDGKKIHC
AVKSLNRITDIGEVSQFLTEGIIMKDFSHPNVLSLLGICLRSEGSPLVVLPYMKHGDLRNFIRNETHNPTVKDLIGFGLQ
VAKGMKYLASKKFVHRDLAARNCMLDEKFTVKVADFGLARDMYDKEYYSVHNKTGAKLPVKWMALESLQTQKFTTKSDVW
SFGVLLWELMTRGAPPYPDVNTFDITVYLLQGRRLLQPEYCPDPLYEVMLKCWHPKAEMRPSFSELVSRISAIFSTFIG
;
_entity_poly.pdbx_strand_id   A
#
loop_
_chem_comp.id
_chem_comp.type
_chem_comp.name
_chem_comp.formula
0J8 non-polymer N-(3-nitrobenzyl)-6-[1-(piperidin-4-yl)-1H-pyrazol-4-yl]-2-(trifluoromethyl)pyrido[2,3-d]pyrimidin-4-amine 'C23 H21 F3 N8 O2'
#
# COMPACT_ATOMS: atom_id res chain seq x y z
N GLN A 37 17.46 -16.32 18.84
CA GLN A 37 17.69 -16.45 17.40
C GLN A 37 16.42 -16.87 16.68
N ALA A 38 16.59 -17.48 15.50
CA ALA A 38 15.52 -17.75 14.52
C ALA A 38 15.13 -16.48 13.75
N VAL A 39 15.56 -15.33 14.27
CA VAL A 39 15.32 -14.03 13.67
C VAL A 39 16.67 -13.46 13.20
N GLN A 40 17.70 -14.28 13.33
CA GLN A 40 19.08 -13.86 13.07
C GLN A 40 19.29 -13.51 11.60
N HIS A 41 18.60 -14.21 10.71
CA HIS A 41 18.69 -13.95 9.28
C HIS A 41 18.03 -12.63 8.86
N VAL A 42 17.34 -12.01 9.82
CA VAL A 42 16.68 -10.74 9.60
C VAL A 42 17.51 -9.63 10.25
N VAL A 43 18.46 -10.04 11.07
CA VAL A 43 19.18 -9.11 11.94
C VAL A 43 20.21 -8.29 11.18
N ILE A 44 20.25 -6.99 11.48
CA ILE A 44 21.30 -6.12 10.97
C ILE A 44 22.17 -5.64 12.14
N GLY A 45 23.48 -5.76 11.98
CA GLY A 45 24.39 -5.26 12.99
C GLY A 45 24.42 -3.74 12.96
N PRO A 46 24.35 -3.11 14.14
CA PRO A 46 24.36 -1.64 14.33
C PRO A 46 25.47 -0.91 13.57
N SER A 47 26.69 -1.44 13.58
CA SER A 47 27.82 -0.75 12.96
C SER A 47 27.75 -0.89 11.44
N SER A 48 26.76 -1.61 10.97
CA SER A 48 26.57 -1.79 9.54
C SER A 48 25.47 -0.84 8.98
N LEU A 49 24.88 -0.03 9.86
CA LEU A 49 23.79 0.86 9.45
C LEU A 49 23.92 2.29 9.97
N ILE A 50 23.86 3.27 9.07
CA ILE A 50 23.76 4.67 9.51
C ILE A 50 22.36 5.25 9.26
N VAL A 51 21.72 5.75 10.30
CA VAL A 51 20.44 6.44 10.14
C VAL A 51 20.65 7.94 10.14
N HIS A 52 20.23 8.60 9.07
CA HIS A 52 20.36 10.05 8.96
C HIS A 52 19.15 10.74 9.61
N PHE A 53 19.20 10.80 10.94
CA PHE A 53 18.15 11.32 11.79
C PHE A 53 17.72 12.76 11.50
N ASN A 54 18.58 13.57 10.90
CA ASN A 54 18.15 14.91 10.53
C ASN A 54 17.23 14.95 9.32
N GLU A 55 17.15 13.83 8.61
CA GLU A 55 16.41 13.76 7.35
C GLU A 55 15.14 12.92 7.46
N VAL A 56 14.09 13.51 8.02
CA VAL A 56 12.80 12.83 8.06
C VAL A 56 12.17 12.78 6.67
N ILE A 57 11.80 11.60 6.22
CA ILE A 57 11.21 11.46 4.90
C ILE A 57 9.76 10.96 4.96
N GLY A 58 9.32 10.59 6.16
CA GLY A 58 7.98 10.10 6.36
C GLY A 58 7.66 10.06 7.83
N ARG A 59 6.38 10.10 8.17
CA ARG A 59 5.92 10.04 9.56
C ARG A 59 4.60 9.29 9.66
N GLY A 60 4.59 8.22 10.45
CA GLY A 60 3.36 7.53 10.75
C GLY A 60 3.09 7.58 12.24
N HIS A 61 1.95 7.02 12.63
CA HIS A 61 1.54 7.02 14.03
C HIS A 61 2.52 6.22 14.89
N PHE A 62 3.15 5.20 14.31
CA PHE A 62 4.01 4.33 15.08
C PHE A 62 5.48 4.77 15.06
N GLY A 63 5.79 5.82 14.30
CA GLY A 63 7.14 6.35 14.34
C GLY A 63 7.57 7.03 13.06
N CYS A 64 8.71 7.72 13.13
CA CYS A 64 9.27 8.45 11.99
C CYS A 64 10.06 7.56 11.05
N VAL A 65 10.19 8.01 9.80
CA VAL A 65 10.99 7.33 8.80
C VAL A 65 12.12 8.24 8.33
N TYR A 66 13.33 7.68 8.27
CA TYR A 66 14.54 8.46 7.97
C TYR A 66 15.34 7.89 6.80
N HIS A 67 16.07 8.76 6.11
CA HIS A 67 17.08 8.31 5.16
C HIS A 67 18.11 7.52 5.94
N GLY A 68 18.68 6.51 5.30
CA GLY A 68 19.68 5.68 5.93
C GLY A 68 20.68 5.05 4.97
N THR A 69 21.81 4.61 5.49
CA THR A 69 22.79 3.90 4.68
C THR A 69 23.06 2.51 5.27
N LEU A 70 22.83 1.48 4.48
CA LEU A 70 23.13 0.11 4.87
C LEU A 70 24.31 -0.46 4.08
N LEU A 71 25.23 -1.11 4.78
CA LEU A 71 26.35 -1.77 4.15
C LEU A 71 26.00 -3.25 3.92
N ASP A 72 25.71 -3.62 2.68
CA ASP A 72 25.19 -4.95 2.40
C ASP A 72 26.23 -6.06 2.64
N ASN A 73 25.84 -7.30 2.33
CA ASN A 73 26.77 -8.42 2.40
C ASN A 73 27.85 -8.27 1.35
N ASP A 74 27.44 -7.79 0.18
CA ASP A 74 28.34 -7.44 -0.92
C ASP A 74 29.44 -6.45 -0.49
N GLY A 75 29.19 -5.71 0.59
CA GLY A 75 30.14 -4.71 1.05
C GLY A 75 29.93 -3.41 0.30
N LYS A 76 28.79 -3.30 -0.36
CA LYS A 76 28.39 -2.05 -1.01
C LYS A 76 27.43 -1.25 -0.13
N LYS A 77 27.53 0.07 -0.21
CA LYS A 77 26.63 0.95 0.52
C LYS A 77 25.35 1.13 -0.28
N ILE A 78 24.21 0.86 0.36
CA ILE A 78 22.94 1.08 -0.31
C ILE A 78 21.99 2.00 0.48
N HIS A 79 21.20 2.77 -0.27
CA HIS A 79 20.21 3.68 0.25
C HIS A 79 19.05 2.95 0.91
N CYS A 80 18.75 3.26 2.15
CA CYS A 80 17.55 2.67 2.70
C CYS A 80 16.63 3.70 3.34
N ALA A 81 15.43 3.24 3.67
CA ALA A 81 14.47 3.99 4.48
C ALA A 81 14.34 3.32 5.86
N VAL A 82 14.56 4.08 6.92
CA VAL A 82 14.58 3.48 8.23
C VAL A 82 13.44 3.94 9.10
N LYS A 83 12.77 2.96 9.69
CA LYS A 83 11.58 3.20 10.48
C LYS A 83 11.87 3.05 11.97
N SER A 84 11.75 4.14 12.70
CA SER A 84 12.02 4.12 14.12
C SER A 84 10.73 3.98 14.93
N LEU A 85 10.53 2.80 15.50
CA LEU A 85 9.33 2.50 16.26
C LEU A 85 9.46 2.87 17.74
N ASN A 86 8.89 4.01 18.14
CA ASN A 86 8.91 4.43 19.54
C ASN A 86 7.94 3.63 20.40
N ARG A 87 6.68 3.61 19.98
CA ARG A 87 5.60 3.09 20.82
C ARG A 87 5.68 1.58 21.00
N ILE A 91 9.20 -4.24 26.76
CA ILE A 91 9.97 -5.45 26.43
C ILE A 91 9.03 -6.63 26.16
N GLY A 92 7.81 -6.54 26.72
CA GLY A 92 6.80 -7.56 26.49
C GLY A 92 6.41 -7.70 25.03
N GLU A 93 6.52 -6.60 24.28
CA GLU A 93 6.10 -6.58 22.88
C GLU A 93 7.28 -6.62 21.91
N VAL A 94 8.48 -6.77 22.46
CA VAL A 94 9.68 -6.82 21.63
C VAL A 94 9.73 -8.09 20.82
N SER A 95 9.44 -9.22 21.46
CA SER A 95 9.48 -10.51 20.78
C SER A 95 8.43 -10.64 19.67
N GLN A 96 7.38 -9.80 19.74
CA GLN A 96 6.36 -9.78 18.70
C GLN A 96 6.89 -9.06 17.45
N PHE A 97 7.80 -8.12 17.68
CA PHE A 97 8.45 -7.39 16.60
C PHE A 97 9.43 -8.28 15.84
N LEU A 98 10.25 -9.03 16.57
CA LEU A 98 11.12 -10.04 15.94
C LEU A 98 10.28 -11.11 15.22
N THR A 99 9.14 -11.44 15.82
CA THR A 99 8.21 -12.38 15.21
C THR A 99 7.76 -11.84 13.87
N GLU A 100 7.37 -10.58 13.85
CA GLU A 100 6.81 -9.97 12.65
C GLU A 100 7.86 -9.83 11.56
N GLY A 101 9.11 -9.57 11.95
CA GLY A 101 10.18 -9.38 11.01
C GLY A 101 10.41 -10.60 10.14
N ILE A 102 10.39 -11.77 10.78
CA ILE A 102 10.68 -13.00 10.04
C ILE A 102 9.57 -13.39 9.05
N ILE A 103 8.31 -13.26 9.45
CA ILE A 103 7.21 -13.56 8.52
C ILE A 103 7.21 -12.58 7.34
N MET A 104 7.53 -11.32 7.61
CA MET A 104 7.61 -10.32 6.56
C MET A 104 8.75 -10.62 5.60
N LYS A 105 9.85 -11.11 6.16
CA LYS A 105 11.02 -11.47 5.36
C LYS A 105 10.70 -12.55 4.32
N ASP A 106 9.81 -13.47 4.68
CA ASP A 106 9.39 -14.57 3.79
C ASP A 106 8.59 -14.14 2.56
N PHE A 107 7.91 -13.00 2.65
CA PHE A 107 7.23 -12.43 1.48
C PHE A 107 8.27 -11.91 0.50
N SER A 108 8.06 -12.15 -0.78
CA SER A 108 8.99 -11.69 -1.80
C SER A 108 8.33 -11.61 -3.17
N HIS A 109 8.39 -10.43 -3.78
CA HIS A 109 7.77 -10.19 -5.07
C HIS A 109 8.23 -8.83 -5.56
N PRO A 110 8.40 -8.67 -6.88
CA PRO A 110 8.77 -7.39 -7.47
C PRO A 110 7.85 -6.24 -7.07
N ASN A 111 6.57 -6.51 -6.85
CA ASN A 111 5.62 -5.44 -6.56
C ASN A 111 5.08 -5.43 -5.15
N VAL A 112 5.88 -5.93 -4.22
CA VAL A 112 5.51 -5.94 -2.82
C VAL A 112 6.71 -5.42 -2.06
N LEU A 113 6.47 -4.57 -1.06
CA LEU A 113 7.56 -3.99 -0.30
C LEU A 113 8.33 -5.10 0.39
N SER A 114 9.65 -5.03 0.35
CA SER A 114 10.47 -6.05 0.98
C SER A 114 11.17 -5.53 2.24
N LEU A 115 11.31 -6.39 3.23
CA LEU A 115 12.02 -6.07 4.44
C LEU A 115 13.50 -6.37 4.30
N LEU A 116 14.36 -5.35 4.41
CA LEU A 116 15.81 -5.55 4.31
C LEU A 116 16.40 -6.14 5.57
N GLY A 117 15.89 -5.67 6.70
CA GLY A 117 16.35 -6.18 7.97
C GLY A 117 15.80 -5.36 9.12
N ILE A 118 16.13 -5.78 10.34
CA ILE A 118 15.74 -5.05 11.53
C ILE A 118 16.99 -4.82 12.39
N CYS A 119 17.04 -3.69 13.06
CA CYS A 119 18.20 -3.41 13.90
C CYS A 119 17.78 -2.96 15.28
N LEU A 120 18.05 -3.81 16.25
CA LEU A 120 17.90 -3.46 17.65
C LEU A 120 19.18 -2.80 18.09
N ARG A 121 19.09 -1.57 18.58
CA ARG A 121 20.29 -0.88 19.03
C ARG A 121 20.37 -0.80 20.56
N SER A 122 21.38 -0.06 21.02
CA SER A 122 21.55 0.20 22.44
C SER A 122 20.51 1.21 22.91
N GLU A 123 20.09 2.08 21.99
CA GLU A 123 19.04 3.07 22.26
C GLU A 123 17.80 2.39 22.83
N GLY A 124 17.45 1.24 22.25
CA GLY A 124 16.30 0.47 22.69
C GLY A 124 15.18 0.51 21.65
N SER A 125 15.13 1.60 20.89
CA SER A 125 14.10 1.77 19.86
C SER A 125 14.37 0.90 18.64
N PRO A 126 13.52 -0.11 18.41
CA PRO A 126 13.66 -1.03 17.28
C PRO A 126 13.67 -0.26 15.97
N LEU A 127 14.47 -0.71 15.01
CA LEU A 127 14.56 -0.03 13.73
C LEU A 127 14.18 -0.99 12.61
N VAL A 128 13.31 -0.52 11.73
CA VAL A 128 12.91 -1.34 10.59
C VAL A 128 13.55 -0.80 9.34
N VAL A 129 14.29 -1.67 8.66
CA VAL A 129 15.07 -1.28 7.49
C VAL A 129 14.46 -1.78 6.18
N LEU A 130 14.14 -0.83 5.33
CA LEU A 130 13.43 -1.09 4.08
C LEU A 130 14.16 -0.39 2.94
N PRO A 131 13.95 -0.84 1.70
CA PRO A 131 14.65 -0.18 0.59
C PRO A 131 14.12 1.23 0.37
N TYR A 132 14.99 2.12 -0.09
CA TYR A 132 14.61 3.51 -0.35
C TYR A 132 13.77 3.62 -1.61
N MET A 133 12.67 4.36 -1.53
CA MET A 133 11.78 4.54 -2.66
C MET A 133 11.90 5.95 -3.26
N LYS A 134 12.70 6.10 -4.32
CA LYS A 134 13.01 7.42 -4.88
C LYS A 134 11.84 8.39 -5.02
N HIS A 135 10.75 7.93 -5.61
CA HIS A 135 9.64 8.81 -5.94
C HIS A 135 8.55 8.89 -4.86
N GLY A 136 8.82 8.33 -3.69
CA GLY A 136 7.87 8.39 -2.57
C GLY A 136 6.60 7.63 -2.87
N ASP A 137 5.49 8.02 -2.26
CA ASP A 137 4.26 7.25 -2.47
C ASP A 137 3.61 7.60 -3.81
N LEU A 138 2.89 6.64 -4.37
CA LEU A 138 2.30 6.74 -5.70
C LEU A 138 1.31 7.90 -5.89
N ARG A 139 0.45 8.12 -4.89
CA ARG A 139 -0.48 9.25 -4.93
C ARG A 139 0.23 10.60 -5.03
N ASN A 140 1.26 10.81 -4.22
CA ASN A 140 1.99 12.07 -4.27
C ASN A 140 2.76 12.21 -5.56
N PHE A 141 3.26 11.10 -6.08
CA PHE A 141 3.95 11.15 -7.37
C PHE A 141 3.00 11.62 -8.47
N ILE A 142 1.79 11.06 -8.53
CA ILE A 142 0.87 11.42 -9.59
C ILE A 142 0.22 12.78 -9.41
N ARG A 143 0.04 13.22 -8.17
CA ARG A 143 -0.56 14.54 -7.92
C ARG A 143 0.39 15.67 -8.29
N ASN A 144 1.70 15.41 -8.25
CA ASN A 144 2.69 16.42 -8.54
C ASN A 144 2.58 17.00 -9.97
N GLU A 145 2.25 18.29 -10.07
CA GLU A 145 1.98 18.90 -11.36
C GLU A 145 3.22 19.04 -12.24
N THR A 146 4.41 18.96 -11.65
CA THR A 146 5.64 18.95 -12.44
C THR A 146 5.97 17.58 -13.05
N HIS A 147 5.17 16.56 -12.76
CA HIS A 147 5.41 15.24 -13.35
C HIS A 147 4.47 15.05 -14.53
N ASN A 148 4.89 14.29 -15.55
CA ASN A 148 4.04 14.02 -16.71
C ASN A 148 3.84 12.54 -17.04
N PRO A 149 3.24 11.80 -16.13
CA PRO A 149 2.99 10.38 -16.40
C PRO A 149 1.93 10.26 -17.50
N THR A 150 2.11 9.32 -18.41
CA THR A 150 1.17 9.18 -19.52
C THR A 150 0.05 8.29 -19.09
N VAL A 151 -1.01 8.31 -19.88
CA VAL A 151 -2.13 7.44 -19.63
C VAL A 151 -1.68 5.98 -19.56
N LYS A 152 -0.74 5.61 -20.43
CA LYS A 152 -0.21 4.25 -20.41
C LYS A 152 0.61 4.00 -19.14
N ASP A 153 1.46 4.96 -18.76
CA ASP A 153 2.15 4.91 -17.47
C ASP A 153 1.16 4.57 -16.34
N LEU A 154 0.06 5.32 -16.29
CA LEU A 154 -0.88 5.23 -15.19
C LEU A 154 -1.52 3.84 -15.17
N ILE A 155 -1.86 3.36 -16.36
CA ILE A 155 -2.44 2.01 -16.46
C ILE A 155 -1.42 0.96 -16.04
N GLY A 156 -0.15 1.17 -16.42
CA GLY A 156 0.92 0.29 -16.02
C GLY A 156 1.13 0.22 -14.51
N PHE A 157 1.05 1.36 -13.82
CA PHE A 157 1.12 1.37 -12.35
C PHE A 157 0.04 0.48 -11.79
N GLY A 158 -1.17 0.64 -12.33
CA GLY A 158 -2.29 -0.18 -11.93
C GLY A 158 -2.04 -1.65 -12.10
N LEU A 159 -1.43 -2.02 -13.23
CA LEU A 159 -1.17 -3.44 -13.50
C LEU A 159 -0.19 -3.96 -12.47
N GLN A 160 0.80 -3.14 -12.15
CA GLN A 160 1.82 -3.52 -11.19
C GLN A 160 1.24 -3.85 -9.83
N VAL A 161 0.30 -3.03 -9.38
CA VAL A 161 -0.35 -3.29 -8.10
C VAL A 161 -1.14 -4.59 -8.18
N ALA A 162 -1.83 -4.78 -9.30
CA ALA A 162 -2.65 -5.95 -9.50
C ALA A 162 -1.79 -7.19 -9.31
N LYS A 163 -0.55 -7.09 -9.79
CA LYS A 163 0.37 -8.20 -9.73
C LYS A 163 0.81 -8.41 -8.30
N GLY A 164 1.19 -7.31 -7.64
CA GLY A 164 1.57 -7.38 -6.25
C GLY A 164 0.42 -7.95 -5.42
N MET A 165 -0.80 -7.51 -5.72
CA MET A 165 -1.95 -7.97 -4.94
C MET A 165 -2.27 -9.44 -5.23
N LYS A 166 -2.08 -9.86 -6.49
CA LYS A 166 -2.23 -11.27 -6.86
C LYS A 166 -1.35 -12.18 -6.02
N TYR A 167 -0.09 -11.82 -5.86
CA TYR A 167 0.84 -12.57 -5.01
C TYR A 167 0.39 -12.64 -3.54
N LEU A 168 -0.12 -11.53 -3.00
CA LEU A 168 -0.49 -11.49 -1.59
C LEU A 168 -1.76 -12.29 -1.32
N ALA A 169 -2.67 -12.29 -2.28
CA ALA A 169 -3.91 -13.01 -2.08
C ALA A 169 -3.63 -14.51 -2.19
N SER A 170 -2.62 -14.89 -2.97
CA SER A 170 -2.25 -16.29 -3.09
C SER A 170 -1.69 -16.80 -1.78
N LYS A 171 -1.00 -15.94 -1.04
CA LYS A 171 -0.48 -16.31 0.26
C LYS A 171 -1.54 -16.10 1.34
N LYS A 172 -2.77 -15.90 0.91
CA LYS A 172 -3.93 -15.75 1.80
C LYS A 172 -3.84 -14.51 2.69
N PHE A 173 -3.10 -13.50 2.24
CA PHE A 173 -2.93 -12.26 2.99
C PHE A 173 -3.96 -11.19 2.59
N VAL A 174 -4.69 -10.65 3.55
CA VAL A 174 -5.65 -9.57 3.27
C VAL A 174 -5.02 -8.23 3.66
N HIS A 175 -4.98 -7.29 2.71
CA HIS A 175 -4.27 -6.04 2.96
C HIS A 175 -5.00 -5.09 3.90
N ARG A 176 -6.27 -4.83 3.61
CA ARG A 176 -7.18 -4.00 4.44
C ARG A 176 -7.09 -2.50 4.16
N ASP A 177 -6.01 -2.05 3.55
CA ASP A 177 -5.85 -0.62 3.31
C ASP A 177 -5.17 -0.31 1.97
N LEU A 178 -5.61 -0.96 0.90
CA LEU A 178 -5.01 -0.75 -0.41
C LEU A 178 -5.50 0.59 -0.95
N ALA A 179 -4.57 1.40 -1.44
CA ALA A 179 -4.84 2.76 -1.86
C ALA A 179 -3.58 3.33 -2.51
N ALA A 180 -3.70 4.36 -3.34
CA ALA A 180 -2.52 4.95 -3.98
C ALA A 180 -1.49 5.50 -2.98
N ARG A 181 -1.98 6.02 -1.85
CA ARG A 181 -1.09 6.56 -0.81
C ARG A 181 -0.29 5.44 -0.13
N ASN A 182 -0.72 4.20 -0.27
CA ASN A 182 -0.01 3.09 0.32
C ASN A 182 0.76 2.22 -0.68
N CYS A 183 1.05 2.77 -1.84
CA CYS A 183 1.97 2.09 -2.78
C CYS A 183 3.15 3.02 -3.00
N MET A 184 4.34 2.45 -3.07
CA MET A 184 5.53 3.24 -3.30
C MET A 184 6.02 3.08 -4.73
N LEU A 185 6.90 3.99 -5.16
CA LEU A 185 7.41 4.01 -6.52
C LEU A 185 8.92 4.17 -6.45
N ASP A 186 9.68 3.15 -6.85
CA ASP A 186 11.15 3.26 -6.80
C ASP A 186 11.77 3.92 -8.05
N GLU A 187 13.10 4.04 -8.05
CA GLU A 187 13.85 4.68 -9.15
C GLU A 187 13.50 4.11 -10.54
N LYS A 188 13.15 2.83 -10.60
CA LYS A 188 12.90 2.18 -11.88
C LYS A 188 11.43 2.18 -12.31
N PHE A 189 10.63 3.09 -11.75
CA PHE A 189 9.18 3.09 -11.98
C PHE A 189 8.49 1.79 -11.55
N THR A 190 9.09 1.09 -10.59
CA THR A 190 8.45 -0.11 -10.05
C THR A 190 7.60 0.19 -8.81
N VAL A 191 6.31 -0.13 -8.92
CA VAL A 191 5.36 0.05 -7.81
C VAL A 191 5.51 -1.05 -6.77
N LYS A 192 5.60 -0.65 -5.50
CA LYS A 192 5.64 -1.60 -4.39
C LYS A 192 4.42 -1.39 -3.49
N VAL A 193 3.58 -2.41 -3.37
CA VAL A 193 2.51 -2.39 -2.39
C VAL A 193 3.19 -2.35 -1.03
N ALA A 194 2.89 -1.33 -0.25
CA ALA A 194 3.51 -1.19 1.05
C ALA A 194 2.46 -1.27 2.17
N ASP A 195 2.62 -0.46 3.22
CA ASP A 195 1.72 -0.46 4.35
C ASP A 195 1.39 -1.89 4.80
N PHE A 196 2.41 -2.70 5.00
CA PHE A 196 2.16 -4.05 5.51
C PHE A 196 3.34 -4.60 6.31
N GLY A 197 3.06 -5.57 7.17
CA GLY A 197 4.04 -6.07 8.12
C GLY A 197 4.50 -4.96 9.04
N LEU A 198 5.83 -4.86 9.22
CA LEU A 198 6.43 -3.89 10.12
C LEU A 198 6.27 -2.45 9.64
N ALA A 199 5.79 -2.28 8.42
CA ALA A 199 5.59 -0.97 7.84
C ALA A 199 4.11 -0.58 7.92
N ARG A 200 3.29 -1.40 8.56
CA ARG A 200 1.87 -1.11 8.67
C ARG A 200 1.67 0.11 9.59
N ASP A 201 0.94 1.11 9.12
CA ASP A 201 0.69 2.34 9.91
C ASP A 201 -0.33 3.23 9.23
N MET A 202 -0.63 4.37 9.86
CA MET A 202 -1.35 5.48 9.24
C MET A 202 -0.32 6.57 8.95
N TYR A 203 -0.11 6.87 7.68
CA TYR A 203 0.84 7.93 7.30
C TYR A 203 0.12 9.23 6.93
N ASP A 204 -1.15 9.13 6.61
CA ASP A 204 -1.99 10.29 6.33
C ASP A 204 -3.32 10.14 7.08
N LYS A 205 -3.45 10.79 8.24
CA LYS A 205 -4.63 10.66 9.10
C LYS A 205 -5.96 11.11 8.47
N GLU A 206 -5.86 12.08 7.58
CA GLU A 206 -6.98 12.68 6.87
C GLU A 206 -8.13 11.76 6.42
N TYR A 207 -7.80 10.60 5.86
CA TYR A 207 -8.85 9.76 5.26
C TYR A 207 -9.32 8.62 6.17
N TYR A 208 -8.82 8.56 7.40
CA TYR A 208 -9.15 7.44 8.25
C TYR A 208 -10.14 7.77 9.37
N SER A 209 -11.03 6.83 9.61
CA SER A 209 -11.75 6.82 10.85
C SER A 209 -11.04 5.80 11.74
N VAL A 210 -10.83 6.15 13.00
CA VAL A 210 -10.34 5.18 13.95
C VAL A 210 -11.52 4.73 14.81
N HIS A 211 -11.82 3.44 14.75
CA HIS A 211 -12.97 2.92 15.46
C HIS A 211 -12.78 3.10 16.96
N ASN A 212 -13.82 3.56 17.63
CA ASN A 212 -13.73 3.93 19.03
C ASN A 212 -13.72 2.73 19.97
N LYS A 213 -14.08 1.56 19.48
CA LYS A 213 -14.13 0.36 20.32
C LYS A 213 -13.00 -0.62 19.98
N THR A 214 -12.69 -0.77 18.70
CA THR A 214 -11.72 -1.79 18.27
C THR A 214 -10.32 -1.23 17.96
N GLY A 215 -10.20 0.08 17.82
CA GLY A 215 -8.92 0.69 17.45
C GLY A 215 -8.59 0.63 15.97
N ALA A 216 -9.33 -0.17 15.20
CA ALA A 216 -9.04 -0.32 13.77
C ALA A 216 -9.07 0.98 12.97
N LYS A 217 -8.09 1.15 12.08
CA LYS A 217 -8.16 2.24 11.10
C LYS A 217 -9.16 1.86 10.01
N LEU A 218 -10.09 2.76 9.73
CA LEU A 218 -11.04 2.52 8.65
C LEU A 218 -11.03 3.61 7.61
N PRO A 219 -10.40 3.33 6.46
CA PRO A 219 -10.33 4.26 5.33
C PRO A 219 -11.65 4.20 4.55
N VAL A 220 -12.62 4.96 5.06
CA VAL A 220 -14.00 4.71 4.73
C VAL A 220 -14.28 4.78 3.22
N LYS A 221 -13.61 5.68 2.52
CA LYS A 221 -13.90 5.90 1.11
C LYS A 221 -13.20 4.92 0.16
N TRP A 222 -12.40 4.02 0.73
CA TRP A 222 -11.77 2.95 -0.03
C TRP A 222 -12.42 1.63 0.32
N MET A 223 -13.36 1.67 1.26
CA MET A 223 -13.91 0.45 1.85
C MET A 223 -15.08 -0.13 1.04
N ALA A 224 -15.03 -1.44 0.85
CA ALA A 224 -16.15 -2.18 0.31
C ALA A 224 -17.43 -1.97 1.13
N LEU A 225 -18.57 -1.96 0.44
CA LEU A 225 -19.86 -1.82 1.10
C LEU A 225 -20.04 -2.73 2.30
N GLU A 226 -19.73 -4.01 2.14
CA GLU A 226 -19.90 -4.94 3.23
C GLU A 226 -18.97 -4.61 4.42
N SER A 227 -17.77 -4.07 4.12
CA SER A 227 -16.83 -3.67 5.18
C SER A 227 -17.34 -2.47 5.96
N LEU A 228 -18.03 -1.56 5.29
CA LEU A 228 -18.63 -0.44 5.98
C LEU A 228 -19.71 -0.91 6.98
N GLN A 229 -20.29 -2.09 6.73
CA GLN A 229 -21.40 -2.57 7.52
C GLN A 229 -20.97 -3.46 8.66
N THR A 230 -19.92 -4.25 8.46
CA THR A 230 -19.53 -5.27 9.43
C THR A 230 -18.11 -5.10 10.01
N GLN A 231 -17.34 -4.17 9.47
CA GLN A 231 -15.90 -4.03 9.77
C GLN A 231 -15.05 -5.29 9.58
N LYS A 232 -15.47 -6.21 8.72
CA LYS A 232 -14.62 -7.34 8.35
C LYS A 232 -13.97 -7.06 6.98
N PHE A 233 -12.79 -7.64 6.76
CA PHE A 233 -12.05 -7.43 5.51
C PHE A 233 -11.65 -8.75 4.86
N THR A 234 -11.77 -8.81 3.53
CA THR A 234 -11.40 -9.99 2.76
C THR A 234 -10.61 -9.61 1.49
N THR A 235 -10.09 -10.61 0.80
CA THR A 235 -9.49 -10.40 -0.51
C THR A 235 -10.53 -9.77 -1.44
N LYS A 236 -11.80 -10.16 -1.30
CA LYS A 236 -12.85 -9.53 -2.08
C LYS A 236 -13.03 -8.04 -1.74
N SER A 237 -12.83 -7.64 -0.48
CA SER A 237 -12.87 -6.21 -0.14
C SER A 237 -11.58 -5.50 -0.59
N ASP A 238 -10.46 -6.21 -0.59
CA ASP A 238 -9.24 -5.68 -1.22
C ASP A 238 -9.56 -5.32 -2.67
N VAL A 239 -10.37 -6.15 -3.32
CA VAL A 239 -10.66 -5.97 -4.74
C VAL A 239 -11.49 -4.70 -4.94
N TRP A 240 -12.41 -4.44 -4.02
CA TRP A 240 -13.21 -3.21 -4.06
C TRP A 240 -12.25 -2.02 -4.04
N SER A 241 -11.30 -2.08 -3.09
CA SER A 241 -10.33 -1.02 -2.87
C SER A 241 -9.38 -0.83 -4.05
N PHE A 242 -9.00 -1.92 -4.71
CA PHE A 242 -8.18 -1.82 -5.92
C PHE A 242 -8.92 -1.02 -6.99
N GLY A 243 -10.21 -1.28 -7.11
CA GLY A 243 -11.05 -0.47 -7.97
C GLY A 243 -10.94 1.02 -7.68
N VAL A 244 -10.95 1.39 -6.39
CA VAL A 244 -10.85 2.78 -6.00
C VAL A 244 -9.48 3.30 -6.41
N LEU A 245 -8.47 2.46 -6.19
CA LEU A 245 -7.10 2.78 -6.55
C LEU A 245 -6.94 3.09 -8.06
N LEU A 246 -7.56 2.26 -8.91
CA LEU A 246 -7.54 2.50 -10.36
C LEU A 246 -8.11 3.87 -10.68
N TRP A 247 -9.25 4.19 -10.07
CA TRP A 247 -9.90 5.50 -10.22
C TRP A 247 -8.95 6.62 -9.79
N GLU A 248 -8.24 6.43 -8.67
CA GLU A 248 -7.26 7.43 -8.26
C GLU A 248 -6.17 7.62 -9.35
N LEU A 249 -5.77 6.53 -9.98
CA LEU A 249 -4.75 6.59 -11.04
C LEU A 249 -5.25 7.41 -12.24
N MET A 250 -6.44 7.07 -12.74
CA MET A 250 -7.01 7.74 -13.91
C MET A 250 -7.50 9.15 -13.62
N THR A 251 -7.46 9.58 -12.36
CA THR A 251 -7.73 10.97 -12.01
C THR A 251 -6.47 11.64 -11.48
N ARG A 252 -5.36 10.92 -11.49
CA ARG A 252 -4.10 11.45 -10.94
C ARG A 252 -4.21 11.95 -9.48
N GLY A 253 -4.86 11.15 -8.63
CA GLY A 253 -4.88 11.42 -7.21
C GLY A 253 -5.96 12.39 -6.74
N ALA A 254 -7.11 12.37 -7.39
CA ALA A 254 -8.27 13.08 -6.89
C ALA A 254 -8.89 12.36 -5.68
N PRO A 255 -9.45 13.13 -4.74
CA PRO A 255 -10.16 12.49 -3.61
C PRO A 255 -11.48 11.88 -4.06
N PRO A 256 -11.70 10.61 -3.71
CA PRO A 256 -12.95 9.93 -4.12
C PRO A 256 -14.15 10.52 -3.40
N TYR A 257 -15.30 10.55 -4.07
CA TYR A 257 -16.55 11.07 -3.50
C TYR A 257 -16.35 12.38 -2.71
N PRO A 258 -15.84 13.43 -3.36
CA PRO A 258 -15.50 14.61 -2.56
C PRO A 258 -16.72 15.28 -1.94
N ASP A 259 -17.91 14.96 -2.41
CA ASP A 259 -19.11 15.65 -1.95
C ASP A 259 -20.16 14.74 -1.27
N VAL A 260 -19.76 13.52 -0.95
CA VAL A 260 -20.60 12.70 -0.11
C VAL A 260 -19.89 12.57 1.21
N ASN A 261 -20.50 13.03 2.30
CA ASN A 261 -19.85 12.88 3.59
C ASN A 261 -19.73 11.43 4.00
N THR A 262 -18.83 11.20 4.94
CA THR A 262 -18.53 9.88 5.47
C THR A 262 -19.76 9.07 5.85
N PHE A 263 -20.65 9.65 6.65
CA PHE A 263 -21.87 8.96 7.05
C PHE A 263 -22.70 8.52 5.85
N ASP A 264 -22.86 9.40 4.87
CA ASP A 264 -23.76 9.11 3.78
C ASP A 264 -23.21 8.09 2.79
N ILE A 265 -21.93 7.72 2.94
CA ILE A 265 -21.29 6.84 1.97
C ILE A 265 -21.97 5.49 1.89
N THR A 266 -22.63 5.09 2.97
CA THR A 266 -23.20 3.76 3.02
C THR A 266 -24.46 3.73 2.19
N VAL A 267 -25.30 4.75 2.28
CA VAL A 267 -26.54 4.69 1.51
C VAL A 267 -26.32 5.02 0.04
N TYR A 268 -25.35 5.90 -0.23
CA TYR A 268 -24.92 6.20 -1.59
C TYR A 268 -24.60 4.88 -2.30
N LEU A 269 -23.87 4.00 -1.63
CA LEU A 269 -23.48 2.73 -2.19
C LEU A 269 -24.64 1.72 -2.22
N LEU A 270 -25.49 1.73 -1.19
CA LEU A 270 -26.68 0.90 -1.15
C LEU A 270 -27.63 1.25 -2.30
N GLN A 271 -27.59 2.51 -2.72
CA GLN A 271 -28.41 3.00 -3.83
C GLN A 271 -27.86 2.62 -5.20
N GLY A 272 -26.76 1.87 -5.22
CA GLY A 272 -26.17 1.44 -6.47
C GLY A 272 -25.24 2.47 -7.08
N ARG A 273 -25.21 3.69 -6.53
CA ARG A 273 -24.30 4.72 -7.04
C ARG A 273 -22.81 4.37 -6.82
N ARG A 274 -21.94 4.87 -7.69
CA ARG A 274 -20.52 4.57 -7.66
C ARG A 274 -19.72 5.75 -8.18
N LEU A 275 -18.40 5.68 -8.09
CA LEU A 275 -17.55 6.71 -8.66
C LEU A 275 -17.76 6.75 -10.17
N LEU A 276 -17.76 7.94 -10.75
CA LEU A 276 -17.95 8.13 -12.19
C LEU A 276 -16.67 7.94 -12.99
N GLN A 277 -16.83 7.56 -14.25
CA GLN A 277 -15.70 7.42 -15.16
C GLN A 277 -14.91 8.72 -15.29
N PRO A 278 -13.62 8.69 -14.92
CA PRO A 278 -12.80 9.90 -15.14
C PRO A 278 -12.73 10.22 -16.63
N GLU A 279 -12.53 11.49 -16.96
CA GLU A 279 -12.52 11.97 -18.37
C GLU A 279 -11.68 11.10 -19.31
N TYR A 280 -10.43 10.82 -18.93
CA TYR A 280 -9.51 10.14 -19.85
C TYR A 280 -9.25 8.68 -19.50
N CYS A 281 -10.18 8.09 -18.76
CA CYS A 281 -10.10 6.67 -18.47
C CYS A 281 -10.77 5.89 -19.59
N PRO A 282 -10.00 5.01 -20.23
CA PRO A 282 -10.57 4.16 -21.28
C PRO A 282 -11.78 3.39 -20.79
N ASP A 283 -12.82 3.34 -21.62
CA ASP A 283 -14.05 2.59 -21.35
C ASP A 283 -13.83 1.18 -20.79
N PRO A 284 -12.91 0.39 -21.38
CA PRO A 284 -12.74 -0.96 -20.83
C PRO A 284 -12.23 -0.95 -19.38
N LEU A 285 -11.29 -0.04 -19.09
CA LEU A 285 -10.74 0.03 -17.75
C LEU A 285 -11.82 0.41 -16.73
N TYR A 286 -12.72 1.31 -17.11
CA TYR A 286 -13.82 1.69 -16.23
C TYR A 286 -14.72 0.51 -15.94
N GLU A 287 -14.99 -0.30 -16.97
CA GLU A 287 -15.74 -1.54 -16.80
C GLU A 287 -15.09 -2.42 -15.72
N VAL A 288 -13.77 -2.55 -15.79
CA VAL A 288 -13.03 -3.24 -14.73
C VAL A 288 -13.26 -2.64 -13.33
N MET A 289 -13.33 -1.31 -13.23
CA MET A 289 -13.58 -0.64 -11.96
C MET A 289 -14.96 -1.03 -11.44
N LEU A 290 -15.95 -0.95 -12.33
CA LEU A 290 -17.32 -1.28 -11.97
C LEU A 290 -17.46 -2.73 -11.49
N LYS A 291 -16.71 -3.65 -12.09
CA LYS A 291 -16.70 -5.02 -11.64
C LYS A 291 -16.21 -5.13 -10.19
N CYS A 292 -15.15 -4.41 -9.87
CA CYS A 292 -14.60 -4.40 -8.53
C CYS A 292 -15.58 -3.89 -7.49
N TRP A 293 -16.58 -3.13 -7.92
CA TRP A 293 -17.53 -2.55 -6.98
C TRP A 293 -18.92 -3.23 -6.96
N HIS A 294 -19.01 -4.47 -7.42
CA HIS A 294 -20.29 -5.21 -7.39
C HIS A 294 -20.67 -5.47 -5.94
N PRO A 295 -21.98 -5.29 -5.61
CA PRO A 295 -22.49 -5.40 -4.23
C PRO A 295 -22.30 -6.77 -3.64
N LYS A 296 -22.27 -7.80 -4.49
CA LYS A 296 -22.06 -9.17 -4.07
C LYS A 296 -20.57 -9.47 -4.17
N ALA A 297 -19.95 -9.69 -3.02
CA ALA A 297 -18.51 -9.86 -2.94
C ALA A 297 -18.01 -10.97 -3.84
N GLU A 298 -18.79 -12.04 -3.94
CA GLU A 298 -18.37 -13.23 -4.68
C GLU A 298 -18.35 -12.93 -6.17
N MET A 299 -19.15 -11.95 -6.55
CA MET A 299 -19.30 -11.57 -7.95
C MET A 299 -18.10 -10.76 -8.47
N ARG A 300 -17.27 -10.24 -7.58
CA ARG A 300 -16.09 -9.46 -7.99
C ARG A 300 -15.02 -10.35 -8.58
N PRO A 301 -14.23 -9.83 -9.53
CA PRO A 301 -13.07 -10.55 -10.06
C PRO A 301 -12.01 -10.83 -9.00
N SER A 302 -11.15 -11.81 -9.27
CA SER A 302 -10.01 -12.11 -8.41
C SER A 302 -8.82 -11.34 -8.97
N PHE A 303 -7.75 -11.19 -8.19
CA PHE A 303 -6.60 -10.44 -8.67
C PHE A 303 -5.92 -11.10 -9.88
N SER A 304 -6.05 -12.42 -9.99
CA SER A 304 -5.47 -13.12 -11.13
C SER A 304 -6.24 -12.68 -12.38
N GLU A 305 -7.55 -12.60 -12.22
CA GLU A 305 -8.40 -12.17 -13.29
C GLU A 305 -8.20 -10.68 -13.62
N LEU A 306 -7.87 -9.87 -12.62
CA LEU A 306 -7.63 -8.45 -12.86
C LEU A 306 -6.32 -8.24 -13.58
N VAL A 307 -5.35 -9.07 -13.28
CA VAL A 307 -4.05 -8.99 -13.95
C VAL A 307 -4.20 -9.31 -15.43
N SER A 308 -5.02 -10.32 -15.74
CA SER A 308 -5.27 -10.70 -17.12
C SER A 308 -5.98 -9.61 -17.91
N ARG A 309 -7.10 -9.13 -17.40
CA ARG A 309 -7.86 -8.13 -18.13
CA ARG A 309 -7.88 -8.12 -18.10
C ARG A 309 -7.04 -6.88 -18.36
N ILE A 310 -6.26 -6.48 -17.35
CA ILE A 310 -5.51 -5.22 -17.40
C ILE A 310 -4.22 -5.29 -18.23
N SER A 311 -3.53 -6.43 -18.18
CA SER A 311 -2.44 -6.65 -19.11
C SER A 311 -2.97 -6.49 -20.55
N ALA A 312 -4.11 -7.10 -20.86
CA ALA A 312 -4.67 -7.02 -22.21
C ALA A 312 -4.97 -5.60 -22.60
N ILE A 313 -5.54 -4.84 -21.67
CA ILE A 313 -5.79 -3.42 -21.89
C ILE A 313 -4.49 -2.68 -22.11
N PHE A 314 -3.50 -2.95 -21.27
CA PHE A 314 -2.23 -2.24 -21.31
C PHE A 314 -1.49 -2.44 -22.64
N SER A 315 -1.63 -3.63 -23.20
CA SER A 315 -0.89 -4.04 -24.40
C SER A 315 -1.59 -3.71 -25.74
N THR A 316 -2.88 -3.40 -25.69
CA THR A 316 -3.62 -3.03 -26.88
C THR A 316 -3.64 -1.51 -27.09
N PHE A 317 -4.69 -1.06 -27.78
CA PHE A 317 -5.05 0.35 -28.06
C PHE A 317 -4.69 0.82 -29.47
C4 0J8 B . 10.26 5.70 1.52
C5 0J8 B . 9.35 6.63 2.05
C6 0J8 B . 8.39 6.20 3.01
N1 0J8 B . 8.38 4.89 3.39
N3 0J8 B . 10.19 4.40 1.94
CAP 0J8 B . 10.04 12.65 -3.18
CAN 0J8 B . 10.40 13.51 -4.40
NAW 0J8 B . 11.39 14.55 -4.09
CAO 0J8 B . 12.04 14.53 -2.77
CAQ 0J8 B . 12.29 13.18 -2.11
CBG 0J8 B . 11.28 12.12 -2.50
NBI 0J8 B . 10.90 11.34 -1.29
CAM 0J8 B . 10.99 10.00 -1.17
NAT 0J8 B . 10.40 11.88 -0.10
CAJ 0J8 B . 10.17 10.84 0.76
CBA 0J8 B . 10.56 9.66 0.10
CAZ 0J8 B . 10.45 8.27 0.64
CAL 0J8 B . 9.45 7.96 1.59
CAI 0J8 B . 11.32 7.29 0.15
NAS 0J8 B . 11.21 6.02 0.60
C2 0J8 B . 9.26 4.05 2.84
CBJ 0J8 B . 9.21 2.60 3.31
FAD 0J8 B . 9.90 1.81 2.48
FAE 0J8 B . 9.71 2.59 4.53
FAC 0J8 B . 7.97 2.14 3.34
NAX 0J8 B . 7.43 7.10 3.63
CAR 0J8 B . 6.68 6.60 4.75
CAY 0J8 B . 5.40 6.06 4.14
CAK 0J8 B . 5.19 4.68 4.11
CAG 0J8 B . 4.46 6.94 3.54
CAF 0J8 B . 3.30 6.43 2.93
CAH 0J8 B . 3.08 5.05 2.91
CBB 0J8 B . 4.04 4.17 3.50
NBH 0J8 B . 3.78 2.76 3.45
OAB 0J8 B . 2.96 2.35 2.54
OAA 0J8 B . 4.36 1.93 4.29
#